data_4HOT
#
_entry.id   4HOT
#
_cell.length_a   54.627
_cell.length_b   85.188
_cell.length_c   60.651
_cell.angle_alpha   90.00
_cell.angle_beta   106.34
_cell.angle_gamma   90.00
#
_symmetry.space_group_name_H-M   'P 1 21 1'
#
loop_
_entity.id
_entity.type
_entity.pdbx_description
1 polymer 'Interferon-induced protein with tetratricopeptide repeats 5'
2 polymer "RNA (5'-R(*(ATP)P*AP*AP*A)-3')"
3 non-polymer 'MAGNESIUM ION'
4 water water
#
loop_
_entity_poly.entity_id
_entity_poly.type
_entity_poly.pdbx_seq_one_letter_code
_entity_poly.pdbx_strand_id
1 'polypeptide(L)'
;MSEIRKDTLKAILLELECHFTWNLLKEDIDLFEVEDTIGQQLEFLTTKSRLALYNLLAYVKHLKGQNKDALECLEQAEEI
IQQEHSDKEEVRSLVTWGNYAWVYYHMDQLEEAQKYTGKIGNVCKKLSSPSNYKLECPETDCEKGWALLKFGGKYYQKAK
AAFEKALEVEPDNPEFNIGYAITVYRLDDSDREGSVKSFSLGPLRKAVTLNPDNSYIKVFLALKLQDVHAEAEGEKYIEE
ILDQISSQPYVLRYAAKFYRRKNSWNKALELLKKALEVTPTSSFLHHQMGLCYRAQMIQIKKATHNRPKGKDKLKVDELI
SSAIFHFKAAMERDSMFAFAYTDLANMYAEGGQYSNAEDIFRKALRLENITDDHKHQIHYHYGRFQEFHRKSENTAIHHY
LEALKVKDRSPLRTKLTSALKKLSTKRLCHNALDVQSLSALGFVYKLEGEKRQAAEYYEKAQKIDPENAEFLTALCELRL
SI
;
A
2 'polyribonucleotide' (ATP)AAA X
#
# COMPACT_ATOMS: atom_id res chain seq x y z
N LYS A 6 30.32 -24.64 -10.55
CA LYS A 6 29.07 -23.90 -10.75
C LYS A 6 28.23 -23.74 -9.48
N ASP A 7 28.17 -24.79 -8.67
CA ASP A 7 27.44 -24.75 -7.40
C ASP A 7 28.08 -23.76 -6.43
N THR A 8 29.39 -23.57 -6.58
CA THR A 8 30.12 -22.59 -5.80
C THR A 8 29.62 -21.18 -6.14
N LEU A 9 29.42 -20.92 -7.43
CA LEU A 9 28.92 -19.63 -7.91
C LEU A 9 27.52 -19.33 -7.40
N LYS A 10 26.63 -20.31 -7.47
CA LYS A 10 25.25 -20.16 -7.04
C LYS A 10 25.19 -19.83 -5.55
N ALA A 11 26.11 -20.43 -4.79
CA ALA A 11 26.25 -20.18 -3.36
C ALA A 11 26.68 -18.74 -3.07
N ILE A 12 27.61 -18.24 -3.87
CA ILE A 12 28.17 -16.90 -3.71
C ILE A 12 27.13 -15.83 -4.03
N LEU A 13 26.30 -16.10 -5.03
CA LEU A 13 25.24 -15.19 -5.43
C LEU A 13 24.35 -14.84 -4.25
N LEU A 14 23.99 -15.86 -3.47
CA LEU A 14 23.07 -15.67 -2.35
C LEU A 14 23.67 -14.80 -1.25
N GLU A 15 24.99 -14.71 -1.23
CA GLU A 15 25.70 -13.96 -0.19
C GLU A 15 25.76 -12.47 -0.52
N LEU A 16 25.50 -12.14 -1.78
CA LEU A 16 25.59 -10.76 -2.24
C LEU A 16 24.46 -9.95 -1.66
N GLU A 17 24.69 -8.65 -1.49
CA GLU A 17 23.65 -7.75 -1.02
C GLU A 17 23.11 -6.92 -2.18
N CYS A 18 21.94 -7.31 -2.67
CA CYS A 18 21.29 -6.59 -3.75
C CYS A 18 19.86 -7.08 -3.88
N HIS A 19 19.15 -6.52 -4.85
CA HIS A 19 17.72 -6.76 -5.02
C HIS A 19 17.34 -8.24 -5.11
N PHE A 20 18.22 -9.05 -5.67
CA PHE A 20 17.96 -10.46 -5.80
C PHE A 20 17.97 -11.22 -4.47
N THR A 21 18.61 -10.64 -3.47
CA THR A 21 18.72 -11.31 -2.17
C THR A 21 17.93 -10.59 -1.07
N TRP A 22 17.08 -9.66 -1.47
CA TRP A 22 16.28 -8.89 -0.52
C TRP A 22 14.83 -9.34 -0.44
N ASN A 23 14.53 -10.49 -1.04
CA ASN A 23 13.19 -11.09 -1.02
C ASN A 23 12.10 -10.14 -1.51
N LEU A 24 12.37 -9.48 -2.63
CA LEU A 24 11.37 -8.65 -3.28
C LEU A 24 10.57 -9.53 -4.23
N LEU A 25 9.43 -10.05 -3.75
CA LEU A 25 8.62 -11.01 -4.51
C LEU A 25 7.72 -10.33 -5.52
N LYS A 26 7.86 -10.70 -6.79
CA LYS A 26 7.07 -10.07 -7.86
C LYS A 26 5.56 -10.19 -7.72
N GLU A 27 5.08 -11.19 -6.98
CA GLU A 27 3.65 -11.39 -6.78
C GLU A 27 2.98 -10.26 -6.00
N ASP A 28 3.76 -9.57 -5.17
CA ASP A 28 3.22 -8.59 -4.25
C ASP A 28 2.99 -7.22 -4.91
N ILE A 29 3.34 -7.09 -6.18
CA ILE A 29 3.09 -5.84 -6.91
C ILE A 29 2.58 -6.05 -8.31
N ASP A 30 2.03 -4.97 -8.87
CA ASP A 30 1.73 -4.84 -10.30
C ASP A 30 3.02 -4.41 -11.00
N LEU A 31 3.67 -5.35 -11.69
CA LEU A 31 4.96 -5.11 -12.36
C LEU A 31 4.94 -3.93 -13.34
N PHE A 32 3.83 -3.73 -14.05
CA PHE A 32 3.77 -2.64 -15.01
C PHE A 32 3.67 -1.32 -14.30
N GLU A 33 2.95 -1.28 -13.18
CA GLU A 33 2.77 0.00 -12.50
C GLU A 33 4.06 0.46 -11.87
N VAL A 34 4.76 -0.47 -11.25
CA VAL A 34 6.02 -0.19 -10.62
C VAL A 34 7.04 0.28 -11.66
N GLU A 35 7.17 -0.49 -12.74
CA GLU A 35 8.05 -0.12 -13.85
C GLU A 35 7.70 1.24 -14.41
N ASP A 36 6.41 1.56 -14.47
CA ASP A 36 6.00 2.81 -15.06
C ASP A 36 6.32 3.94 -14.09
N THR A 37 5.84 3.83 -12.85
CA THR A 37 6.04 4.86 -11.85
C THR A 37 7.51 5.12 -11.52
N ILE A 38 8.34 4.07 -11.56
CA ILE A 38 9.78 4.25 -11.38
C ILE A 38 10.31 5.15 -12.48
N GLY A 39 9.88 4.87 -13.71
CA GLY A 39 10.19 5.71 -14.84
C GLY A 39 9.72 7.13 -14.60
N GLN A 40 8.57 7.29 -13.97
CA GLN A 40 8.08 8.64 -13.75
C GLN A 40 8.82 9.35 -12.62
N GLN A 41 9.29 8.58 -11.66
CA GLN A 41 10.08 9.13 -10.57
C GLN A 41 11.43 9.60 -11.06
N LEU A 42 11.95 8.97 -12.11
CA LEU A 42 13.21 9.40 -12.68
C LEU A 42 13.02 10.77 -13.34
N GLU A 43 11.89 10.97 -14.01
CA GLU A 43 11.62 12.22 -14.72
C GLU A 43 11.13 13.33 -13.79
N PHE A 44 10.42 12.96 -12.73
CA PHE A 44 9.67 13.96 -12.01
C PHE A 44 9.84 13.92 -10.51
N LEU A 45 10.87 13.23 -10.04
CA LEU A 45 11.16 13.21 -8.61
C LEU A 45 12.67 13.24 -8.44
N THR A 46 13.24 14.41 -8.77
CA THR A 46 14.67 14.57 -8.93
C THR A 46 15.40 14.50 -7.61
N THR A 47 14.64 14.55 -6.51
CA THR A 47 15.19 14.41 -5.18
C THR A 47 15.76 12.99 -4.98
N LYS A 48 15.01 11.98 -5.43
CA LYS A 48 15.39 10.56 -5.24
C LYS A 48 16.62 10.11 -6.04
N SER A 49 17.34 9.11 -5.51
CA SER A 49 18.57 8.62 -6.13
C SER A 49 18.36 7.97 -7.51
N ARG A 50 19.00 8.54 -8.54
CA ARG A 50 18.91 8.00 -9.89
C ARG A 50 19.58 6.63 -9.94
N LEU A 51 20.70 6.51 -9.22
CA LEU A 51 21.42 5.24 -9.19
C LEU A 51 20.55 4.14 -8.57
N ALA A 52 19.80 4.49 -7.52
CA ALA A 52 18.92 3.54 -6.84
C ALA A 52 17.72 3.13 -7.70
N LEU A 53 17.16 4.11 -8.41
CA LEU A 53 15.99 3.85 -9.24
C LEU A 53 16.34 2.94 -10.40
N TYR A 54 17.53 3.15 -10.98
CA TYR A 54 17.98 2.36 -12.12
C TYR A 54 18.41 0.95 -11.72
N ASN A 55 18.91 0.80 -10.49
CA ASN A 55 19.19 -0.52 -9.95
C ASN A 55 17.88 -1.26 -9.73
N LEU A 56 16.86 -0.54 -9.30
CA LEU A 56 15.57 -1.15 -9.00
C LEU A 56 14.82 -1.44 -10.28
N LEU A 57 14.85 -0.48 -11.19
CA LEU A 57 14.24 -0.66 -12.49
C LEU A 57 14.77 -1.92 -13.13
N ALA A 58 16.08 -2.10 -13.06
CA ALA A 58 16.72 -3.25 -13.71
C ALA A 58 16.17 -4.54 -13.14
N TYR A 59 15.99 -4.58 -11.83
CA TYR A 59 15.49 -5.78 -11.18
C TYR A 59 14.05 -6.00 -11.58
N VAL A 60 13.28 -4.92 -11.61
CA VAL A 60 11.88 -5.02 -12.00
C VAL A 60 11.80 -5.59 -13.40
N LYS A 61 12.58 -5.03 -14.31
CA LYS A 61 12.60 -5.49 -15.69
C LYS A 61 12.95 -6.96 -15.80
N HIS A 62 13.84 -7.43 -14.93
CA HIS A 62 14.14 -8.86 -14.91
C HIS A 62 12.94 -9.68 -14.45
N LEU A 63 12.15 -9.14 -13.52
CA LEU A 63 10.94 -9.82 -13.05
C LEU A 63 9.93 -9.95 -14.18
N LYS A 64 9.96 -9.00 -15.11
CA LYS A 64 9.16 -9.07 -16.32
C LYS A 64 9.74 -10.01 -17.37
N GLY A 65 10.88 -10.64 -17.06
CA GLY A 65 11.53 -11.55 -17.98
C GLY A 65 12.31 -10.86 -19.09
N GLN A 66 12.67 -9.60 -18.86
CA GLN A 66 13.36 -8.80 -19.86
C GLN A 66 14.81 -8.55 -19.42
N ASN A 67 15.61 -9.62 -19.43
CA ASN A 67 16.96 -9.56 -18.91
C ASN A 67 17.88 -8.67 -19.73
N LYS A 68 17.61 -8.60 -21.03
CA LYS A 68 18.37 -7.73 -21.93
C LYS A 68 18.19 -6.26 -21.57
N ASP A 69 16.96 -5.83 -21.30
CA ASP A 69 16.74 -4.44 -20.93
C ASP A 69 17.28 -4.16 -19.53
N ALA A 70 17.26 -5.18 -18.69
CA ALA A 70 17.73 -5.06 -17.31
C ALA A 70 19.20 -4.67 -17.30
N LEU A 71 19.99 -5.36 -18.11
CA LEU A 71 21.40 -5.03 -18.26
C LEU A 71 21.56 -3.58 -18.70
N GLU A 72 20.74 -3.16 -19.67
CA GLU A 72 20.79 -1.79 -20.16
C GLU A 72 20.59 -0.81 -19.02
N CYS A 73 19.62 -1.13 -18.17
CA CYS A 73 19.37 -0.31 -16.99
C CYS A 73 20.60 -0.26 -16.11
N LEU A 74 21.21 -1.43 -15.87
CA LEU A 74 22.41 -1.53 -15.06
C LEU A 74 23.58 -0.76 -15.67
N GLU A 75 23.61 -0.66 -17.00
CA GLU A 75 24.59 0.19 -17.67
C GLU A 75 24.36 1.65 -17.33
N GLN A 76 23.11 2.10 -17.39
CA GLN A 76 22.78 3.48 -17.03
C GLN A 76 23.32 3.78 -15.62
N ALA A 77 23.16 2.81 -14.72
CA ALA A 77 23.63 2.93 -13.35
C ALA A 77 25.15 3.13 -13.29
N GLU A 78 25.88 2.34 -14.07
CA GLU A 78 27.33 2.46 -14.15
C GLU A 78 27.71 3.88 -14.56
N GLU A 79 26.96 4.43 -15.50
CA GLU A 79 27.19 5.78 -16.00
C GLU A 79 26.92 6.81 -14.91
N ILE A 80 25.87 6.55 -14.12
CA ILE A 80 25.52 7.42 -13.01
C ILE A 80 26.54 7.33 -11.88
N ILE A 81 27.02 6.11 -11.63
CA ILE A 81 28.15 5.91 -10.73
C ILE A 81 29.33 6.80 -11.14
N GLN A 82 29.73 6.70 -12.40
CA GLN A 82 30.79 7.54 -12.93
C GLN A 82 30.50 9.03 -12.71
N GLN A 83 29.26 9.42 -12.94
CA GLN A 83 28.86 10.82 -12.85
C GLN A 83 28.80 11.32 -11.40
N GLU A 84 27.86 10.77 -10.62
CA GLU A 84 27.55 11.26 -9.28
C GLU A 84 28.53 10.78 -8.21
N HIS A 85 29.13 9.61 -8.40
CA HIS A 85 29.94 8.99 -7.36
C HIS A 85 31.34 8.65 -7.83
N SER A 86 31.99 9.56 -8.54
CA SER A 86 33.33 9.34 -9.06
C SER A 86 34.24 8.89 -7.93
N ASP A 87 34.39 9.75 -6.93
CA ASP A 87 34.93 9.34 -5.66
C ASP A 87 33.96 8.33 -5.03
N LYS A 88 34.50 7.34 -4.33
CA LYS A 88 33.71 6.21 -3.84
C LYS A 88 33.04 5.42 -4.97
N GLU A 89 33.68 5.38 -6.14
CA GLU A 89 33.19 4.65 -7.30
C GLU A 89 32.97 3.17 -7.02
N GLU A 90 34.04 2.50 -6.56
CA GLU A 90 34.04 1.05 -6.39
C GLU A 90 32.98 0.59 -5.41
N VAL A 91 32.80 1.35 -4.34
CA VAL A 91 31.88 0.94 -3.28
C VAL A 91 30.42 1.21 -3.65
N ARG A 92 30.17 2.16 -4.57
CA ARG A 92 28.80 2.42 -5.04
C ARG A 92 28.37 1.44 -6.13
N SER A 93 29.31 0.61 -6.57
CA SER A 93 29.06 -0.30 -7.66
C SER A 93 28.58 -1.67 -7.20
N LEU A 94 28.73 -1.95 -5.90
CA LEU A 94 28.44 -3.29 -5.38
C LEU A 94 27.02 -3.78 -5.68
N VAL A 95 26.02 -2.95 -5.40
CA VAL A 95 24.64 -3.32 -5.68
C VAL A 95 24.40 -3.52 -7.19
N THR A 96 24.85 -2.54 -7.98
CA THR A 96 24.78 -2.65 -9.44
C THR A 96 25.46 -3.93 -9.94
N TRP A 97 26.65 -4.19 -9.41
CA TRP A 97 27.39 -5.40 -9.74
C TRP A 97 26.68 -6.67 -9.29
N GLY A 98 26.00 -6.58 -8.15
CA GLY A 98 25.19 -7.69 -7.66
C GLY A 98 24.08 -8.05 -8.63
N ASN A 99 23.31 -7.05 -9.04
CA ASN A 99 22.27 -7.25 -10.04
C ASN A 99 22.85 -7.80 -11.35
N TYR A 100 24.03 -7.32 -11.73
CA TYR A 100 24.69 -7.80 -12.95
C TYR A 100 24.95 -9.29 -12.85
N ALA A 101 25.60 -9.70 -11.77
CA ALA A 101 25.96 -11.10 -11.59
C ALA A 101 24.72 -11.98 -11.60
N TRP A 102 23.66 -11.51 -10.95
CA TRP A 102 22.42 -12.26 -10.88
C TRP A 102 21.71 -12.33 -12.23
N VAL A 103 21.72 -11.21 -12.96
CA VAL A 103 21.05 -11.15 -14.25
C VAL A 103 21.76 -12.02 -15.29
N TYR A 104 23.08 -11.91 -15.34
CA TYR A 104 23.89 -12.77 -16.22
C TYR A 104 23.74 -14.25 -15.87
N TYR A 105 23.61 -14.55 -14.58
CA TYR A 105 23.41 -15.93 -14.14
C TYR A 105 22.09 -16.47 -14.71
N HIS A 106 21.07 -15.62 -14.73
CA HIS A 106 19.77 -16.02 -15.25
C HIS A 106 19.76 -16.20 -16.77
N MET A 107 20.74 -15.60 -17.44
CA MET A 107 20.89 -15.71 -18.89
C MET A 107 21.88 -16.82 -19.24
N ASP A 108 22.25 -17.60 -18.23
CA ASP A 108 23.21 -18.69 -18.37
C ASP A 108 24.60 -18.29 -18.84
N GLN A 109 24.94 -17.01 -18.68
CA GLN A 109 26.29 -16.55 -18.97
C GLN A 109 27.11 -16.66 -17.70
N LEU A 110 27.44 -17.89 -17.33
CA LEU A 110 28.04 -18.17 -16.04
C LEU A 110 29.41 -17.53 -15.89
N GLU A 111 30.25 -17.65 -16.93
CA GLU A 111 31.60 -17.09 -16.91
C GLU A 111 31.57 -15.58 -16.69
N GLU A 112 30.59 -14.93 -17.31
CA GLU A 112 30.39 -13.49 -17.18
C GLU A 112 29.88 -13.11 -15.80
N ALA A 113 28.98 -13.93 -15.27
CA ALA A 113 28.40 -13.71 -13.95
C ALA A 113 29.48 -13.74 -12.88
N GLN A 114 30.42 -14.66 -13.07
CA GLN A 114 31.53 -14.81 -12.15
C GLN A 114 32.41 -13.58 -12.14
N LYS A 115 32.65 -13.02 -13.33
CA LYS A 115 33.48 -11.83 -13.50
C LYS A 115 33.01 -10.69 -12.60
N TYR A 116 31.73 -10.68 -12.27
CA TYR A 116 31.16 -9.63 -11.44
C TYR A 116 31.30 -9.90 -9.96
N THR A 117 31.07 -11.16 -9.57
CA THR A 117 31.20 -11.58 -8.18
C THR A 117 32.63 -11.40 -7.73
N GLY A 118 33.56 -11.80 -8.59
CA GLY A 118 34.97 -11.66 -8.31
C GLY A 118 35.32 -10.19 -8.21
N LYS A 119 34.66 -9.38 -9.03
CA LYS A 119 34.89 -7.94 -9.02
C LYS A 119 34.37 -7.38 -7.70
N ILE A 120 33.31 -8.00 -7.19
CA ILE A 120 32.71 -7.65 -5.89
C ILE A 120 33.57 -8.15 -4.73
N GLY A 121 34.05 -9.38 -4.84
CA GLY A 121 34.99 -9.92 -3.88
C GLY A 121 36.22 -9.05 -3.67
N ASN A 122 36.83 -8.59 -4.77
CA ASN A 122 38.06 -7.78 -4.70
C ASN A 122 37.88 -6.52 -3.86
N VAL A 123 36.73 -5.88 -4.01
CA VAL A 123 36.41 -4.64 -3.30
C VAL A 123 36.14 -4.90 -1.82
N CYS A 124 35.65 -6.09 -1.52
CA CYS A 124 35.35 -6.45 -0.12
C CYS A 124 36.59 -6.62 0.77
N LYS A 125 37.65 -7.26 0.26
CA LYS A 125 38.88 -7.42 1.04
C LYS A 125 39.67 -6.12 1.09
N LYS A 126 39.62 -5.37 0.00
CA LYS A 126 40.23 -4.05 -0.12
C LYS A 126 39.88 -3.19 1.08
N LEU A 127 38.58 -3.12 1.37
CA LEU A 127 38.06 -2.40 2.53
C LEU A 127 37.63 -3.39 3.59
N SER A 128 38.45 -4.43 3.78
CA SER A 128 38.09 -5.65 4.50
C SER A 128 36.86 -5.58 5.42
N SER A 129 35.70 -5.89 4.85
CA SER A 129 34.52 -6.11 5.66
C SER A 129 34.62 -7.53 6.20
N PRO A 130 33.99 -7.78 7.36
CA PRO A 130 33.94 -9.12 7.95
C PRO A 130 33.21 -10.17 7.10
N SER A 131 32.73 -9.79 5.93
CA SER A 131 32.10 -10.75 5.02
C SER A 131 32.84 -10.76 3.68
N ASN A 132 32.87 -11.91 3.02
CA ASN A 132 33.62 -12.05 1.78
C ASN A 132 32.95 -11.45 0.53
N TYR A 133 31.63 -11.31 0.53
CA TYR A 133 30.94 -10.80 -0.66
C TYR A 133 29.87 -9.74 -0.39
N LYS A 134 30.03 -9.00 0.70
CA LYS A 134 29.15 -7.88 1.00
C LYS A 134 29.81 -6.93 1.97
N LEU A 135 29.47 -5.66 1.84
CA LEU A 135 30.02 -4.63 2.69
C LEU A 135 28.86 -3.82 3.25
N GLU A 136 28.68 -3.91 4.57
CA GLU A 136 27.66 -3.14 5.26
C GLU A 136 27.89 -1.66 5.05
N CYS A 137 26.83 -0.99 4.63
CA CYS A 137 26.93 0.42 4.29
C CYS A 137 25.57 1.09 4.41
N PRO A 138 25.56 2.28 5.02
CA PRO A 138 24.34 3.06 5.24
C PRO A 138 23.63 3.45 3.95
N GLU A 139 24.38 3.81 2.89
CA GLU A 139 23.76 4.16 1.62
C GLU A 139 23.05 2.97 0.98
N THR A 140 23.58 1.77 1.24
CA THR A 140 22.99 0.55 0.71
C THR A 140 21.78 0.13 1.52
N ASP A 141 21.89 0.31 2.84
CA ASP A 141 20.76 0.11 3.74
C ASP A 141 19.61 1.02 3.34
N CYS A 142 19.96 2.21 2.86
CA CYS A 142 19.00 3.22 2.42
C CYS A 142 18.35 2.85 1.10
N GLU A 143 19.16 2.36 0.16
CA GLU A 143 18.63 1.88 -1.10
C GLU A 143 17.70 0.71 -0.80
N LYS A 144 18.15 -0.16 0.10
CA LYS A 144 17.36 -1.32 0.53
C LYS A 144 16.00 -0.88 1.05
N GLY A 145 16.00 0.13 1.93
CA GLY A 145 14.78 0.65 2.51
C GLY A 145 13.77 1.06 1.45
N TRP A 146 14.25 1.80 0.45
CA TRP A 146 13.39 2.29 -0.63
C TRP A 146 12.83 1.20 -1.53
N ALA A 147 13.65 0.21 -1.87
CA ALA A 147 13.17 -0.91 -2.69
C ALA A 147 12.06 -1.65 -1.95
N LEU A 148 12.30 -1.92 -0.67
CA LEU A 148 11.31 -2.55 0.19
C LEU A 148 9.98 -1.82 0.15
N LEU A 149 10.03 -0.52 0.45
CA LEU A 149 8.84 0.33 0.40
C LEU A 149 8.03 0.15 -0.87
N LYS A 150 8.73 0.01 -2.00
CA LYS A 150 8.07 0.00 -3.31
C LYS A 150 7.31 -1.31 -3.52
N PHE A 151 7.67 -2.33 -2.75
CA PHE A 151 6.99 -3.61 -2.85
C PHE A 151 5.78 -3.73 -1.93
N GLY A 152 5.44 -2.64 -1.25
CA GLY A 152 4.13 -2.50 -0.65
C GLY A 152 4.02 -2.77 0.84
N GLY A 153 2.78 -2.79 1.32
CA GLY A 153 2.48 -2.84 2.74
C GLY A 153 3.25 -3.88 3.50
N LYS A 154 3.45 -5.03 2.88
CA LYS A 154 4.05 -6.18 3.52
C LYS A 154 5.49 -5.95 3.96
N TYR A 155 6.13 -4.95 3.36
CA TYR A 155 7.58 -4.76 3.52
C TYR A 155 7.93 -3.55 4.38
N TYR A 156 6.92 -2.84 4.86
CA TYR A 156 7.16 -1.57 5.55
C TYR A 156 8.04 -1.70 6.80
N GLN A 157 7.82 -2.72 7.61
CA GLN A 157 8.64 -2.93 8.78
C GLN A 157 10.07 -3.25 8.41
N LYS A 158 10.24 -4.02 7.33
CA LYS A 158 11.59 -4.36 6.91
C LYS A 158 12.24 -3.11 6.37
N ALA A 159 11.45 -2.28 5.72
CA ALA A 159 11.93 -0.98 5.24
C ALA A 159 12.39 -0.15 6.42
N LYS A 160 11.49 0.06 7.38
CA LYS A 160 11.77 0.84 8.58
C LYS A 160 13.10 0.46 9.24
N ALA A 161 13.30 -0.83 9.44
CA ALA A 161 14.54 -1.35 10.00
C ALA A 161 15.77 -0.97 9.15
N ALA A 162 15.66 -1.12 7.83
CA ALA A 162 16.73 -0.74 6.90
C ALA A 162 17.19 0.70 7.07
N PHE A 163 16.23 1.62 7.15
CA PHE A 163 16.56 3.01 7.38
C PHE A 163 17.16 3.19 8.77
N GLU A 164 16.62 2.43 9.73
CA GLU A 164 17.14 2.47 11.10
C GLU A 164 18.62 2.06 11.15
N LYS A 165 19.00 1.11 10.29
CA LYS A 165 20.37 0.63 10.21
C LYS A 165 21.28 1.72 9.62
N ALA A 166 20.76 2.46 8.66
CA ALA A 166 21.50 3.52 8.01
C ALA A 166 21.62 4.72 8.95
N LEU A 167 20.51 5.04 9.61
CA LEU A 167 20.52 6.17 10.55
C LEU A 167 21.37 5.86 11.80
N GLU A 168 21.64 4.58 12.04
CA GLU A 168 22.49 4.17 13.17
C GLU A 168 23.90 4.69 12.94
N VAL A 169 24.29 4.76 11.68
CA VAL A 169 25.60 5.26 11.31
C VAL A 169 25.59 6.77 11.14
N GLU A 170 24.60 7.30 10.40
CA GLU A 170 24.51 8.74 10.20
C GLU A 170 23.13 9.28 10.54
N PRO A 171 22.81 9.37 11.85
CA PRO A 171 21.52 9.85 12.35
C PRO A 171 21.11 11.23 11.82
N ASP A 172 22.02 11.92 11.14
CA ASP A 172 21.74 13.27 10.72
C ASP A 172 21.84 13.46 9.20
N ASN A 173 21.85 12.33 8.48
CA ASN A 173 21.89 12.36 7.03
C ASN A 173 20.52 12.76 6.48
N PRO A 174 20.47 13.81 5.65
CA PRO A 174 19.23 14.31 5.07
C PRO A 174 18.48 13.23 4.32
N GLU A 175 19.18 12.55 3.41
CA GLU A 175 18.56 11.48 2.66
C GLU A 175 18.04 10.40 3.59
N PHE A 176 18.85 9.98 4.56
CA PHE A 176 18.43 8.88 5.42
C PHE A 176 17.19 9.23 6.21
N ASN A 177 17.11 10.49 6.64
CA ASN A 177 15.98 10.92 7.45
C ASN A 177 14.68 10.98 6.67
N ILE A 178 14.76 11.40 5.42
CA ILE A 178 13.58 11.38 4.56
C ILE A 178 13.02 9.98 4.42
N GLY A 179 13.90 8.99 4.24
CA GLY A 179 13.44 7.63 4.02
C GLY A 179 12.71 7.10 5.25
N TYR A 180 13.35 7.25 6.39
CA TYR A 180 12.79 6.86 7.67
C TYR A 180 11.48 7.60 7.96
N ALA A 181 11.48 8.90 7.77
CA ALA A 181 10.32 9.71 8.09
C ALA A 181 9.14 9.27 7.24
N ILE A 182 9.37 9.10 5.95
CA ILE A 182 8.32 8.67 5.07
C ILE A 182 7.80 7.29 5.48
N THR A 183 8.72 6.39 5.82
CA THR A 183 8.34 5.03 6.24
C THR A 183 7.46 5.02 7.51
N VAL A 184 7.87 5.78 8.51
CA VAL A 184 7.08 5.87 9.73
C VAL A 184 5.74 6.55 9.42
N TYR A 185 5.76 7.49 8.49
CA TYR A 185 4.52 8.13 8.04
C TYR A 185 3.53 7.13 7.43
N ARG A 186 4.01 6.21 6.61
CA ARG A 186 3.12 5.20 6.05
C ARG A 186 2.65 4.23 7.13
N LEU A 187 3.58 3.77 7.97
CA LEU A 187 3.22 2.93 9.12
C LEU A 187 2.23 3.61 10.07
N ASP A 188 2.09 4.93 9.98
CA ASP A 188 1.02 5.58 10.70
C ASP A 188 -0.32 5.20 10.10
N ASP A 189 -0.33 4.95 8.79
CA ASP A 189 -1.55 4.66 8.08
C ASP A 189 -1.74 3.17 7.83
N SER A 190 -0.79 2.36 8.30
CA SER A 190 -0.88 0.91 8.16
C SER A 190 -1.36 0.23 9.41
N ASP A 191 -2.21 -0.78 9.21
CA ASP A 191 -2.71 -1.65 10.27
C ASP A 191 -3.17 -0.91 11.53
N ARG A 192 -3.90 0.17 11.29
CA ARG A 192 -4.50 0.97 12.34
C ARG A 192 -5.51 0.13 13.09
N GLU A 193 -5.63 0.35 14.40
CA GLU A 193 -6.55 -0.42 15.23
C GLU A 193 -7.81 0.38 15.51
N GLY A 194 -7.71 1.69 15.26
CA GLY A 194 -8.80 2.60 15.49
C GLY A 194 -8.39 4.03 15.18
N SER A 195 -8.04 4.77 16.23
CA SER A 195 -7.66 6.17 16.10
C SER A 195 -6.41 6.37 15.23
N VAL A 196 -6.07 7.62 14.95
CA VAL A 196 -4.91 7.91 14.10
C VAL A 196 -3.60 7.82 14.85
N LYS A 197 -2.55 7.47 14.10
CA LYS A 197 -1.21 7.42 14.66
C LYS A 197 -0.39 8.56 14.08
N SER A 198 0.51 9.10 14.91
CA SER A 198 1.37 10.20 14.48
C SER A 198 2.77 10.03 15.06
N PHE A 199 3.30 8.82 14.97
CA PHE A 199 4.68 8.58 15.38
C PHE A 199 5.64 9.33 14.46
N SER A 200 5.18 9.63 13.24
CA SER A 200 6.01 10.22 12.21
C SER A 200 6.23 11.71 12.32
N LEU A 201 5.50 12.36 13.23
CA LEU A 201 5.51 13.80 13.31
C LEU A 201 6.92 14.34 13.59
N GLY A 202 7.55 13.79 14.63
CA GLY A 202 8.94 14.10 14.96
C GLY A 202 9.93 13.86 13.83
N PRO A 203 10.01 12.62 13.32
CA PRO A 203 10.95 12.33 12.23
C PRO A 203 10.75 13.18 10.99
N LEU A 204 9.50 13.55 10.71
CA LEU A 204 9.24 14.48 9.61
C LEU A 204 9.76 15.89 9.95
N ARG A 205 9.53 16.34 11.19
CA ARG A 205 10.08 17.61 11.64
C ARG A 205 11.56 17.63 11.34
N LYS A 206 12.23 16.55 11.76
CA LYS A 206 13.68 16.45 11.59
C LYS A 206 14.06 16.32 10.13
N ALA A 207 13.32 15.48 9.40
CA ALA A 207 13.56 15.31 7.97
C ALA A 207 13.53 16.66 7.25
N VAL A 208 12.53 17.47 7.58
CA VAL A 208 12.33 18.75 6.91
C VAL A 208 13.46 19.73 7.20
N THR A 209 13.82 19.85 8.48
CA THR A 209 14.93 20.71 8.90
C THR A 209 16.23 20.34 8.17
N LEU A 210 16.44 19.05 7.93
CA LEU A 210 17.64 18.59 7.22
C LEU A 210 17.53 18.71 5.71
N ASN A 211 16.34 19.06 5.21
CA ASN A 211 16.12 19.16 3.78
C ASN A 211 15.31 20.40 3.44
N PRO A 212 15.94 21.57 3.55
CA PRO A 212 15.26 22.88 3.48
C PRO A 212 14.57 23.14 2.14
N ASP A 213 15.19 22.71 1.06
CA ASP A 213 14.62 23.01 -0.25
C ASP A 213 13.69 21.92 -0.74
N ASN A 214 13.57 20.83 0.02
CA ASN A 214 12.78 19.68 -0.39
C ASN A 214 11.27 19.80 -0.12
N SER A 215 10.51 20.19 -1.12
CA SER A 215 9.06 20.31 -0.98
C SER A 215 8.33 18.97 -0.94
N TYR A 216 9.01 17.90 -1.32
CA TYR A 216 8.37 16.58 -1.31
C TYR A 216 8.24 16.04 0.14
N ILE A 217 9.28 16.25 0.94
CA ILE A 217 9.21 15.79 2.31
C ILE A 217 8.28 16.71 3.07
N LYS A 218 8.29 17.99 2.73
CA LYS A 218 7.50 18.99 3.44
C LYS A 218 6.01 18.68 3.41
N VAL A 219 5.55 18.14 2.29
CA VAL A 219 4.11 17.94 2.09
C VAL A 219 3.57 16.88 3.06
N PHE A 220 4.43 15.95 3.45
CA PHE A 220 4.07 14.93 4.43
C PHE A 220 3.91 15.52 5.83
N LEU A 221 4.79 16.44 6.22
CA LEU A 221 4.64 17.14 7.49
C LEU A 221 3.31 17.87 7.53
N ALA A 222 2.99 18.56 6.44
CA ALA A 222 1.72 19.28 6.34
C ALA A 222 0.49 18.36 6.51
N LEU A 223 0.56 17.17 5.95
CA LEU A 223 -0.53 16.20 6.04
C LEU A 223 -0.60 15.62 7.44
N LYS A 224 0.58 15.41 8.02
CA LYS A 224 0.63 14.85 9.37
C LYS A 224 0.15 15.86 10.39
N LEU A 225 0.37 17.14 10.11
CA LEU A 225 -0.16 18.20 10.95
C LEU A 225 -1.68 18.32 10.80
N GLN A 226 -2.20 17.95 9.63
CA GLN A 226 -3.65 17.95 9.45
C GLN A 226 -4.27 16.89 10.33
N ASP A 227 -3.62 15.73 10.33
CA ASP A 227 -4.07 14.55 11.07
C ASP A 227 -4.22 14.81 12.57
N VAL A 228 -3.40 15.72 13.08
CA VAL A 228 -3.35 16.00 14.51
C VAL A 228 -3.96 17.37 14.84
N HIS A 229 -4.85 17.84 13.96
CA HIS A 229 -5.70 19.03 14.18
C HIS A 229 -4.95 20.34 14.23
N ALA A 230 -3.80 20.37 13.57
CA ALA A 230 -3.04 21.59 13.40
C ALA A 230 -3.18 21.98 11.93
N GLU A 231 -4.42 22.02 11.47
CA GLU A 231 -4.69 22.27 10.06
C GLU A 231 -4.17 23.62 9.61
N ALA A 232 -4.27 24.60 10.51
CA ALA A 232 -3.75 25.94 10.27
C ALA A 232 -2.27 25.90 9.92
N GLU A 233 -1.46 25.29 10.78
CA GLU A 233 -0.01 25.21 10.55
C GLU A 233 0.26 24.47 9.24
N GLY A 234 -0.43 23.35 9.04
CA GLY A 234 -0.34 22.57 7.82
C GLY A 234 -0.64 23.36 6.55
N GLU A 235 -1.79 24.03 6.51
CA GLU A 235 -2.20 24.77 5.31
C GLU A 235 -1.22 25.87 4.94
N LYS A 236 -0.57 26.46 5.94
CA LYS A 236 0.42 27.49 5.66
C LYS A 236 1.63 26.84 5.01
N TYR A 237 2.00 25.66 5.48
CA TYR A 237 3.05 24.90 4.82
C TYR A 237 2.68 24.60 3.37
N ILE A 238 1.41 24.24 3.12
CA ILE A 238 0.93 23.96 1.77
C ILE A 238 1.10 25.18 0.87
N GLU A 239 0.60 26.33 1.33
CA GLU A 239 0.66 27.57 0.57
C GLU A 239 2.10 27.95 0.20
N GLU A 240 3.02 27.69 1.12
CA GLU A 240 4.44 28.01 0.93
C GLU A 240 5.04 27.17 -0.19
N ILE A 241 4.69 25.89 -0.18
CA ILE A 241 5.13 24.94 -1.20
C ILE A 241 4.61 25.30 -2.59
N LEU A 242 3.31 25.55 -2.70
CA LEU A 242 2.67 25.83 -3.97
C LEU A 242 3.20 27.10 -4.63
N ASP A 243 3.64 28.04 -3.80
CA ASP A 243 4.16 29.31 -4.29
C ASP A 243 5.65 29.14 -4.60
N GLN A 244 6.21 28.01 -4.15
CA GLN A 244 7.63 27.70 -4.27
C GLN A 244 7.97 26.67 -5.38
N ILE A 245 7.01 25.83 -5.72
CA ILE A 245 7.21 24.88 -6.83
C ILE A 245 6.09 24.96 -7.86
N SER A 246 6.27 24.26 -8.99
CA SER A 246 5.25 24.20 -10.03
C SER A 246 5.26 22.83 -10.70
N SER A 247 4.07 22.34 -11.03
CA SER A 247 3.90 21.12 -11.83
C SER A 247 4.82 19.97 -11.45
N GLN A 248 4.91 19.69 -10.16
CA GLN A 248 5.66 18.54 -9.69
C GLN A 248 4.63 17.60 -9.14
N PRO A 249 4.23 16.60 -9.95
CA PRO A 249 3.10 15.74 -9.63
C PRO A 249 3.23 15.10 -8.26
N TYR A 250 4.45 14.75 -7.86
CA TYR A 250 4.63 14.10 -6.56
C TYR A 250 4.43 15.06 -5.38
N VAL A 251 4.37 16.36 -5.66
CA VAL A 251 4.08 17.31 -4.61
C VAL A 251 2.63 17.75 -4.70
N LEU A 252 2.18 18.17 -5.88
CA LEU A 252 0.79 18.59 -6.11
C LEU A 252 -0.26 17.57 -5.64
N ARG A 253 0.06 16.28 -5.72
CA ARG A 253 -0.95 15.28 -5.42
C ARG A 253 -1.21 15.18 -3.92
N TYR A 254 -0.18 15.46 -3.13
CA TYR A 254 -0.34 15.40 -1.68
C TYR A 254 -0.97 16.68 -1.14
N ALA A 255 -0.70 17.81 -1.79
CA ALA A 255 -1.45 19.03 -1.54
C ALA A 255 -2.93 18.85 -1.91
N ALA A 256 -3.20 18.13 -3.00
CA ALA A 256 -4.57 17.82 -3.39
C ALA A 256 -5.28 17.05 -2.27
N LYS A 257 -4.63 15.98 -1.79
CA LYS A 257 -5.14 15.23 -0.66
C LYS A 257 -5.45 16.16 0.52
N PHE A 258 -4.54 17.09 0.83
CA PHE A 258 -4.72 17.98 1.97
C PHE A 258 -6.02 18.77 1.84
N TYR A 259 -6.17 19.40 0.68
CA TYR A 259 -7.34 20.18 0.34
C TYR A 259 -8.59 19.32 0.30
N ARG A 260 -8.47 18.12 -0.24
CA ARG A 260 -9.62 17.21 -0.30
C ARG A 260 -10.23 16.97 1.07
N ARG A 261 -9.39 16.60 2.05
CA ARG A 261 -9.88 16.34 3.39
C ARG A 261 -10.51 17.55 4.05
N LYS A 262 -10.05 18.74 3.68
CA LYS A 262 -10.61 20.01 4.18
C LYS A 262 -11.94 20.29 3.48
N ASN A 263 -12.31 19.41 2.56
CA ASN A 263 -13.52 19.52 1.74
C ASN A 263 -13.44 20.62 0.65
N SER A 264 -12.23 21.15 0.42
CA SER A 264 -11.98 22.05 -0.71
C SER A 264 -11.81 21.25 -1.99
N TRP A 265 -12.90 20.64 -2.47
CA TRP A 265 -12.80 19.67 -3.57
C TRP A 265 -12.40 20.29 -4.91
N ASN A 266 -12.93 21.47 -5.23
CA ASN A 266 -12.57 22.14 -6.47
C ASN A 266 -11.07 22.45 -6.53
N LYS A 267 -10.54 22.99 -5.44
CA LYS A 267 -9.11 23.26 -5.35
C LYS A 267 -8.26 21.98 -5.43
N ALA A 268 -8.77 20.89 -4.87
CA ALA A 268 -8.14 19.58 -5.03
C ALA A 268 -8.17 19.13 -6.48
N LEU A 269 -9.31 19.33 -7.14
CA LEU A 269 -9.47 18.91 -8.52
C LEU A 269 -8.55 19.69 -9.44
N GLU A 270 -8.39 20.98 -9.14
CA GLU A 270 -7.46 21.85 -9.88
C GLU A 270 -6.03 21.31 -9.80
N LEU A 271 -5.58 20.99 -8.58
CA LEU A 271 -4.20 20.53 -8.38
C LEU A 271 -3.95 19.17 -9.02
N LEU A 272 -4.91 18.27 -8.87
CA LEU A 272 -4.83 16.95 -9.48
C LEU A 272 -4.71 17.07 -10.99
N LYS A 273 -5.72 17.67 -11.62
CA LYS A 273 -5.69 17.93 -13.05
C LYS A 273 -4.32 18.46 -13.52
N LYS A 274 -3.74 19.42 -12.79
CA LYS A 274 -2.42 19.94 -13.13
C LYS A 274 -1.32 18.88 -13.03
N ALA A 275 -1.43 18.00 -12.03
CA ALA A 275 -0.48 16.89 -11.89
C ALA A 275 -0.71 15.88 -12.99
N LEU A 276 -1.97 15.79 -13.43
CA LEU A 276 -2.39 14.78 -14.40
C LEU A 276 -1.77 15.01 -15.78
N GLU A 277 -1.76 16.26 -16.25
CA GLU A 277 -1.24 16.57 -17.58
C GLU A 277 0.26 16.26 -17.66
N VAL A 278 0.88 16.13 -16.50
CA VAL A 278 2.29 15.71 -16.42
C VAL A 278 2.40 14.18 -16.36
N THR A 279 1.62 13.56 -15.49
CA THR A 279 1.70 12.12 -15.29
C THR A 279 0.32 11.45 -15.36
N PRO A 280 -0.24 11.34 -16.58
CA PRO A 280 -1.67 11.07 -16.79
C PRO A 280 -2.09 9.65 -16.46
N THR A 281 -1.15 8.75 -16.25
CA THR A 281 -1.48 7.36 -16.04
C THR A 281 -1.51 6.96 -14.55
N SER A 282 -1.22 7.93 -13.68
CA SER A 282 -1.04 7.69 -12.25
C SER A 282 -2.30 7.15 -11.54
N SER A 283 -2.19 6.01 -10.86
CA SER A 283 -3.32 5.46 -10.13
C SER A 283 -3.61 6.27 -8.86
N PHE A 284 -2.56 6.85 -8.29
CA PHE A 284 -2.71 7.79 -7.18
C PHE A 284 -3.65 8.93 -7.61
N LEU A 285 -3.31 9.61 -8.70
CA LEU A 285 -4.08 10.76 -9.15
C LEU A 285 -5.51 10.40 -9.49
N HIS A 286 -5.70 9.32 -10.23
CA HIS A 286 -7.05 8.87 -10.62
C HIS A 286 -7.92 8.52 -9.40
N HIS A 287 -7.33 7.91 -8.38
CA HIS A 287 -8.09 7.61 -7.19
C HIS A 287 -8.55 8.91 -6.55
N GLN A 288 -7.59 9.82 -6.33
CA GLN A 288 -7.86 11.09 -5.64
C GLN A 288 -8.94 11.88 -6.37
N MET A 289 -8.92 11.85 -7.70
CA MET A 289 -9.95 12.50 -8.52
C MET A 289 -11.34 11.93 -8.21
N GLY A 290 -11.44 10.60 -8.25
CA GLY A 290 -12.71 9.94 -8.05
C GLY A 290 -13.25 10.24 -6.67
N LEU A 291 -12.33 10.28 -5.69
CA LEU A 291 -12.69 10.62 -4.33
C LEU A 291 -13.38 12.00 -4.27
N CYS A 292 -12.83 12.97 -4.99
CA CYS A 292 -13.41 14.33 -5.00
C CYS A 292 -14.79 14.36 -5.62
N TYR A 293 -14.97 13.62 -6.71
CA TYR A 293 -16.27 13.57 -7.37
C TYR A 293 -17.30 12.90 -6.47
N ARG A 294 -16.94 11.77 -5.85
CA ARG A 294 -17.82 11.12 -4.89
C ARG A 294 -18.27 12.07 -3.77
N ALA A 295 -17.32 12.73 -3.13
CA ALA A 295 -17.60 13.63 -2.02
C ALA A 295 -18.58 14.74 -2.42
N GLN A 296 -18.31 15.37 -3.57
CA GLN A 296 -19.22 16.38 -4.11
C GLN A 296 -20.59 15.78 -4.35
N MET A 297 -20.62 14.59 -4.94
CA MET A 297 -21.86 13.86 -5.19
C MET A 297 -22.64 13.64 -3.89
N ILE A 298 -21.92 13.20 -2.85
CA ILE A 298 -22.53 12.97 -1.55
C ILE A 298 -23.11 14.24 -0.94
N GLN A 299 -22.35 15.33 -1.02
CA GLN A 299 -22.78 16.64 -0.53
C GLN A 299 -24.15 17.02 -1.07
N ILE A 300 -24.40 16.71 -2.34
CA ILE A 300 -25.68 17.00 -2.98
C ILE A 300 -26.79 16.11 -2.43
N LYS A 301 -26.52 14.80 -2.38
CA LYS A 301 -27.47 13.83 -1.85
C LYS A 301 -27.92 14.19 -0.44
N LYS A 302 -26.97 14.63 0.40
CA LYS A 302 -27.30 15.00 1.77
C LYS A 302 -28.19 16.23 1.76
N ALA A 303 -27.93 17.14 0.83
CA ALA A 303 -28.70 18.36 0.70
C ALA A 303 -30.06 18.16 0.04
N THR A 304 -30.35 16.94 -0.40
CA THR A 304 -31.63 16.63 -1.04
C THR A 304 -32.27 15.37 -0.45
N HIS A 305 -31.87 15.02 0.77
CA HIS A 305 -32.39 13.86 1.48
C HIS A 305 -32.40 12.58 0.63
N ASN A 306 -31.25 12.29 0.02
CA ASN A 306 -31.06 11.08 -0.77
C ASN A 306 -32.00 10.88 -1.96
N ARG A 307 -32.64 11.95 -2.41
CA ARG A 307 -33.47 11.86 -3.62
C ARG A 307 -33.50 13.15 -4.44
N PRO A 308 -32.37 13.47 -5.10
CA PRO A 308 -32.25 14.72 -5.85
C PRO A 308 -33.23 14.82 -7.01
N LYS A 309 -33.71 16.03 -7.28
CA LYS A 309 -34.59 16.25 -8.41
C LYS A 309 -33.96 17.31 -9.32
N GLY A 310 -34.35 17.29 -10.60
CA GLY A 310 -33.93 18.30 -11.55
C GLY A 310 -32.46 18.24 -11.90
N LYS A 311 -31.83 19.40 -11.95
CA LYS A 311 -30.41 19.49 -12.29
C LYS A 311 -29.51 18.80 -11.27
N ASP A 312 -30.02 18.64 -10.05
CA ASP A 312 -29.32 17.92 -9.01
C ASP A 312 -29.11 16.46 -9.39
N LYS A 313 -30.20 15.78 -9.72
CA LYS A 313 -30.13 14.38 -10.15
C LYS A 313 -29.21 14.28 -11.36
N LEU A 314 -29.29 15.28 -12.24
CA LEU A 314 -28.47 15.32 -13.43
C LEU A 314 -26.99 15.48 -13.08
N LYS A 315 -26.71 16.34 -12.11
CA LYS A 315 -25.35 16.58 -11.67
C LYS A 315 -24.82 15.33 -10.97
N VAL A 316 -25.58 14.81 -10.02
CA VAL A 316 -25.21 13.59 -9.29
C VAL A 316 -24.83 12.42 -10.20
N ASP A 317 -25.61 12.19 -11.26
CA ASP A 317 -25.31 11.11 -12.20
C ASP A 317 -24.01 11.36 -12.98
N GLU A 318 -23.72 12.64 -13.23
CA GLU A 318 -22.49 13.05 -13.90
C GLU A 318 -21.29 12.77 -13.01
N LEU A 319 -21.43 13.14 -11.74
CA LEU A 319 -20.38 12.96 -10.75
C LEU A 319 -20.07 11.47 -10.58
N ILE A 320 -21.13 10.66 -10.57
CA ILE A 320 -20.99 9.22 -10.42
C ILE A 320 -20.20 8.62 -11.59
N SER A 321 -20.58 9.02 -12.79
CA SER A 321 -19.95 8.54 -14.01
C SER A 321 -18.47 8.91 -14.03
N SER A 322 -18.17 10.16 -13.70
CA SER A 322 -16.80 10.65 -13.59
C SER A 322 -16.03 9.86 -12.54
N ALA A 323 -16.60 9.73 -11.35
CA ALA A 323 -15.95 8.98 -10.28
C ALA A 323 -15.67 7.54 -10.72
N ILE A 324 -16.60 6.95 -11.44
CA ILE A 324 -16.40 5.61 -12.00
C ILE A 324 -15.21 5.58 -12.97
N PHE A 325 -15.20 6.51 -13.93
CA PHE A 325 -14.10 6.63 -14.90
C PHE A 325 -12.73 6.58 -14.21
N HIS A 326 -12.57 7.37 -13.16
CA HIS A 326 -11.27 7.48 -12.51
C HIS A 326 -10.91 6.28 -11.61
N PHE A 327 -11.89 5.76 -10.86
CA PHE A 327 -11.66 4.55 -10.07
C PHE A 327 -11.25 3.42 -10.99
N LYS A 328 -12.01 3.24 -12.07
CA LYS A 328 -11.67 2.25 -13.08
C LYS A 328 -10.23 2.45 -13.61
N ALA A 329 -9.87 3.70 -13.90
CA ALA A 329 -8.53 4.02 -14.38
C ALA A 329 -7.49 3.64 -13.36
N ALA A 330 -7.74 4.00 -12.11
CA ALA A 330 -6.90 3.63 -10.99
C ALA A 330 -6.73 2.11 -10.96
N MET A 331 -7.85 1.40 -11.09
CA MET A 331 -7.84 -0.06 -11.03
C MET A 331 -7.06 -0.67 -12.18
N GLU A 332 -7.29 -0.16 -13.38
CA GLU A 332 -6.63 -0.71 -14.56
C GLU A 332 -5.13 -0.48 -14.58
N ARG A 333 -4.68 0.63 -13.98
CA ARG A 333 -3.26 0.96 -13.91
C ARG A 333 -2.49 0.25 -12.80
N ASP A 334 -3.18 -0.19 -11.76
CA ASP A 334 -2.53 -0.88 -10.64
C ASP A 334 -3.42 -2.01 -10.16
N SER A 335 -3.18 -3.22 -10.66
CA SER A 335 -4.02 -4.38 -10.38
C SER A 335 -3.97 -4.81 -8.91
N MET A 336 -3.06 -4.21 -8.16
CA MET A 336 -2.89 -4.51 -6.75
C MET A 336 -3.48 -3.43 -5.85
N PHE A 337 -4.09 -2.42 -6.46
CA PHE A 337 -4.64 -1.26 -5.75
C PHE A 337 -6.03 -1.57 -5.18
N ALA A 338 -6.07 -2.17 -4.01
CA ALA A 338 -7.31 -2.67 -3.40
C ALA A 338 -8.41 -1.64 -3.30
N PHE A 339 -8.06 -0.38 -3.04
CA PHE A 339 -9.13 0.63 -2.79
C PHE A 339 -9.68 1.14 -4.13
N ALA A 340 -8.87 1.05 -5.19
CA ALA A 340 -9.35 1.27 -6.55
C ALA A 340 -10.52 0.36 -6.87
N TYR A 341 -10.44 -0.90 -6.44
CA TYR A 341 -11.51 -1.90 -6.66
C TYR A 341 -12.72 -1.59 -5.79
N THR A 342 -12.52 -1.40 -4.48
CA THR A 342 -13.67 -1.19 -3.61
C THR A 342 -14.40 0.11 -3.92
N ASP A 343 -13.68 1.19 -4.26
CA ASP A 343 -14.36 2.44 -4.59
C ASP A 343 -15.11 2.35 -5.91
N LEU A 344 -14.49 1.71 -6.90
CA LEU A 344 -15.12 1.45 -8.19
C LEU A 344 -16.43 0.69 -8.01
N ALA A 345 -16.37 -0.43 -7.29
CA ALA A 345 -17.55 -1.28 -7.10
C ALA A 345 -18.63 -0.58 -6.29
N ASN A 346 -18.21 0.16 -5.26
CA ASN A 346 -19.13 0.93 -4.43
C ASN A 346 -19.85 1.98 -5.27
N MET A 347 -19.12 2.60 -6.19
CA MET A 347 -19.69 3.61 -7.06
C MET A 347 -20.65 2.98 -8.07
N TYR A 348 -20.29 1.80 -8.57
CA TYR A 348 -21.20 1.02 -9.43
C TYR A 348 -22.48 0.67 -8.67
N ALA A 349 -22.34 0.37 -7.38
CA ALA A 349 -23.46 0.07 -6.52
C ALA A 349 -24.40 1.28 -6.41
N GLU A 350 -23.83 2.42 -6.01
CA GLU A 350 -24.56 3.68 -5.93
C GLU A 350 -25.26 3.94 -7.26
N GLY A 351 -24.56 3.65 -8.34
CA GLY A 351 -25.09 3.87 -9.68
C GLY A 351 -26.18 2.87 -10.06
N GLY A 352 -26.28 1.79 -9.30
CA GLY A 352 -27.29 0.78 -9.56
C GLY A 352 -26.89 -0.26 -10.59
N GLN A 353 -25.63 -0.20 -11.04
CA GLN A 353 -25.10 -1.20 -11.97
C GLN A 353 -24.50 -2.35 -11.18
N TYR A 354 -25.36 -3.16 -10.57
CA TYR A 354 -24.94 -4.21 -9.65
C TYR A 354 -24.05 -5.26 -10.31
N SER A 355 -24.32 -5.55 -11.57
CA SER A 355 -23.57 -6.55 -12.32
C SER A 355 -22.11 -6.15 -12.38
N ASN A 356 -21.88 -4.87 -12.64
CA ASN A 356 -20.53 -4.31 -12.59
C ASN A 356 -19.95 -4.28 -11.19
N ALA A 357 -20.78 -3.96 -10.21
CA ALA A 357 -20.35 -3.97 -8.81
C ALA A 357 -19.82 -5.34 -8.47
N GLU A 358 -20.60 -6.35 -8.84
CA GLU A 358 -20.30 -7.73 -8.51
C GLU A 358 -19.00 -8.21 -9.12
N ASP A 359 -18.83 -7.93 -10.42
CA ASP A 359 -17.62 -8.32 -11.16
C ASP A 359 -16.35 -7.71 -10.54
N ILE A 360 -16.42 -6.44 -10.16
CA ILE A 360 -15.27 -5.80 -9.55
C ILE A 360 -14.98 -6.37 -8.15
N PHE A 361 -16.03 -6.58 -7.37
CA PHE A 361 -15.85 -7.10 -6.02
C PHE A 361 -15.15 -8.45 -6.11
N ARG A 362 -15.70 -9.34 -6.94
CA ARG A 362 -15.19 -10.71 -7.06
C ARG A 362 -13.72 -10.81 -7.48
N LYS A 363 -13.26 -9.87 -8.32
CA LYS A 363 -11.84 -9.79 -8.62
C LYS A 363 -11.06 -9.41 -7.37
N ALA A 364 -11.58 -8.43 -6.62
CA ALA A 364 -10.92 -7.97 -5.41
C ALA A 364 -10.86 -9.08 -4.36
N LEU A 365 -11.90 -9.92 -4.33
CA LEU A 365 -11.92 -11.04 -3.40
C LEU A 365 -10.93 -12.12 -3.79
N ARG A 366 -10.47 -12.11 -5.04
CA ARG A 366 -9.48 -13.10 -5.44
C ARG A 366 -7.99 -12.67 -5.32
N LEU A 367 -7.73 -11.42 -4.92
CA LEU A 367 -6.35 -10.97 -4.72
C LEU A 367 -5.70 -11.68 -3.53
N GLU A 368 -4.75 -12.56 -3.81
CA GLU A 368 -4.16 -13.37 -2.74
C GLU A 368 -3.09 -12.62 -1.96
N ASN A 369 -2.34 -11.79 -2.66
CA ASN A 369 -1.10 -11.24 -2.12
C ASN A 369 -1.16 -9.82 -1.54
N ILE A 370 -2.33 -9.19 -1.53
CA ILE A 370 -2.46 -7.91 -0.84
C ILE A 370 -2.46 -8.18 0.65
N THR A 371 -2.34 -7.13 1.46
CA THR A 371 -2.20 -7.30 2.91
C THR A 371 -3.48 -7.82 3.53
N ASP A 372 -3.38 -8.36 4.73
CA ASP A 372 -4.57 -8.77 5.46
C ASP A 372 -5.48 -7.58 5.73
N ASP A 373 -4.88 -6.45 6.09
CA ASP A 373 -5.66 -5.23 6.39
C ASP A 373 -6.58 -4.88 5.20
N HIS A 374 -6.10 -5.10 3.99
CA HIS A 374 -6.84 -4.72 2.79
C HIS A 374 -7.85 -5.78 2.37
N LYS A 375 -7.44 -7.05 2.46
CA LYS A 375 -8.38 -8.16 2.33
C LYS A 375 -9.59 -7.85 3.21
N HIS A 376 -9.30 -7.46 4.44
CA HIS A 376 -10.29 -7.21 5.48
C HIS A 376 -11.29 -6.15 5.03
N GLN A 377 -10.79 -5.15 4.33
CA GLN A 377 -11.66 -4.04 3.94
C GLN A 377 -12.58 -4.44 2.78
N ILE A 378 -12.04 -5.16 1.80
CA ILE A 378 -12.86 -5.80 0.79
C ILE A 378 -14.02 -6.68 1.37
N HIS A 379 -13.72 -7.61 2.27
CA HIS A 379 -14.75 -8.46 2.87
C HIS A 379 -15.81 -7.57 3.49
N TYR A 380 -15.36 -6.48 4.12
CA TYR A 380 -16.27 -5.55 4.77
C TYR A 380 -17.20 -4.87 3.76
N HIS A 381 -16.62 -4.23 2.74
CA HIS A 381 -17.44 -3.52 1.75
C HIS A 381 -18.37 -4.46 0.94
N TYR A 382 -17.87 -5.63 0.55
CA TYR A 382 -18.70 -6.60 -0.20
C TYR A 382 -19.87 -7.04 0.67
N GLY A 383 -19.55 -7.28 1.94
CA GLY A 383 -20.58 -7.58 2.92
C GLY A 383 -21.71 -6.56 2.95
N ARG A 384 -21.35 -5.27 2.99
CA ARG A 384 -22.36 -4.20 2.98
C ARG A 384 -23.19 -4.18 1.69
N PHE A 385 -22.50 -4.30 0.55
CA PHE A 385 -23.18 -4.43 -0.75
C PHE A 385 -24.21 -5.56 -0.68
N GLN A 386 -23.81 -6.72 -0.18
CA GLN A 386 -24.75 -7.85 -0.08
C GLN A 386 -25.94 -7.49 0.79
N GLU A 387 -25.66 -6.87 1.93
CA GLU A 387 -26.70 -6.55 2.92
C GLU A 387 -27.65 -5.45 2.46
N PHE A 388 -27.12 -4.35 1.94
CA PHE A 388 -27.96 -3.20 1.68
C PHE A 388 -28.47 -3.08 0.23
N HIS A 389 -27.69 -3.58 -0.72
CA HIS A 389 -28.08 -3.51 -2.12
C HIS A 389 -28.73 -4.81 -2.61
N ARG A 390 -28.05 -5.93 -2.42
CA ARG A 390 -28.58 -7.22 -2.86
C ARG A 390 -29.53 -7.85 -1.84
N LYS A 391 -29.61 -7.27 -0.66
CA LYS A 391 -30.48 -7.74 0.42
C LYS A 391 -30.31 -9.22 0.79
N SER A 392 -29.10 -9.74 0.62
CA SER A 392 -28.80 -11.13 0.96
C SER A 392 -28.08 -11.24 2.31
N GLU A 393 -28.87 -11.38 3.37
CA GLU A 393 -28.34 -11.40 4.73
C GLU A 393 -27.42 -12.58 4.95
N ASN A 394 -27.80 -13.73 4.41
CA ASN A 394 -26.94 -14.92 4.37
C ASN A 394 -25.49 -14.60 3.91
N THR A 395 -25.35 -13.87 2.80
CA THR A 395 -24.03 -13.66 2.19
C THR A 395 -23.23 -12.61 2.94
N ALA A 396 -23.90 -11.52 3.32
CA ALA A 396 -23.32 -10.47 4.16
C ALA A 396 -22.78 -11.01 5.47
N ILE A 397 -23.56 -11.84 6.17
CA ILE A 397 -23.09 -12.41 7.44
C ILE A 397 -21.79 -13.14 7.17
N HIS A 398 -21.78 -13.94 6.11
CA HIS A 398 -20.57 -14.64 5.73
C HIS A 398 -19.36 -13.70 5.65
N HIS A 399 -19.49 -12.60 4.91
CA HIS A 399 -18.34 -11.73 4.67
C HIS A 399 -17.94 -10.86 5.86
N TYR A 400 -18.89 -10.50 6.72
CA TYR A 400 -18.54 -9.82 7.95
C TYR A 400 -17.64 -10.75 8.77
N LEU A 401 -17.96 -12.03 8.81
CA LEU A 401 -17.15 -13.01 9.54
C LEU A 401 -15.74 -13.11 8.98
N GLU A 402 -15.63 -13.19 7.65
CA GLU A 402 -14.32 -13.22 7.00
C GLU A 402 -13.49 -11.98 7.33
N ALA A 403 -14.12 -10.80 7.24
CA ALA A 403 -13.46 -9.55 7.62
C ALA A 403 -12.80 -9.66 8.99
N LEU A 404 -13.56 -10.13 9.97
CA LEU A 404 -13.06 -10.27 11.35
C LEU A 404 -12.03 -11.37 11.47
N LYS A 405 -12.19 -12.44 10.68
CA LYS A 405 -11.26 -13.55 10.73
C LYS A 405 -9.90 -13.10 10.22
N VAL A 406 -9.90 -12.22 9.23
CA VAL A 406 -8.65 -11.78 8.61
C VAL A 406 -7.96 -10.76 9.50
N LYS A 407 -8.75 -9.86 10.09
CA LYS A 407 -8.22 -8.84 11.00
C LYS A 407 -9.27 -8.44 12.06
N ASP A 408 -9.06 -8.86 13.31
CA ASP A 408 -10.08 -8.72 14.35
C ASP A 408 -10.01 -7.44 15.19
N ARG A 409 -8.91 -6.69 15.05
CA ARG A 409 -8.75 -5.40 15.70
C ARG A 409 -8.40 -4.38 14.62
N SER A 410 -9.33 -3.46 14.37
CA SER A 410 -9.28 -2.51 13.25
C SER A 410 -10.39 -1.52 13.49
N PRO A 411 -10.35 -0.34 12.84
CA PRO A 411 -11.44 0.64 13.03
C PRO A 411 -12.82 0.17 12.59
N LEU A 412 -12.90 -1.02 12.01
CA LEU A 412 -14.18 -1.58 11.57
C LEU A 412 -14.74 -2.59 12.55
N ARG A 413 -13.91 -3.01 13.51
CA ARG A 413 -14.28 -4.10 14.43
C ARG A 413 -15.73 -4.02 14.91
N THR A 414 -16.12 -2.88 15.48
CA THR A 414 -17.44 -2.75 16.09
C THR A 414 -18.55 -2.55 15.06
N LYS A 415 -18.23 -2.01 13.90
CA LYS A 415 -19.22 -1.99 12.84
C LYS A 415 -19.53 -3.44 12.42
N LEU A 416 -18.50 -4.29 12.36
CA LEU A 416 -18.69 -5.70 11.98
C LEU A 416 -19.46 -6.52 13.04
N THR A 417 -19.06 -6.44 14.31
CA THR A 417 -19.71 -7.22 15.36
C THR A 417 -21.15 -6.74 15.62
N SER A 418 -21.38 -5.45 15.43
CA SER A 418 -22.73 -4.88 15.61
C SER A 418 -23.65 -5.35 14.50
N ALA A 419 -23.11 -5.49 13.31
CA ALA A 419 -23.89 -5.88 12.15
C ALA A 419 -24.22 -7.36 12.21
N LEU A 420 -23.22 -8.17 12.55
CA LEU A 420 -23.40 -9.61 12.71
C LEU A 420 -24.43 -9.92 13.78
N LYS A 421 -24.47 -9.09 14.82
CA LYS A 421 -25.41 -9.32 15.90
C LYS A 421 -26.83 -8.95 15.52
N LYS A 422 -27.00 -7.87 14.77
CA LYS A 422 -28.34 -7.47 14.36
C LYS A 422 -28.91 -8.52 13.40
N LEU A 423 -28.12 -8.89 12.40
CA LEU A 423 -28.54 -9.83 11.36
C LEU A 423 -28.79 -11.25 11.87
N SER A 424 -27.93 -11.73 12.76
CA SER A 424 -28.06 -13.10 13.26
C SER A 424 -29.27 -13.18 14.17
N THR A 425 -29.51 -12.12 14.94
CA THR A 425 -30.64 -12.12 15.85
C THR A 425 -31.92 -12.13 15.04
N LYS A 426 -31.99 -11.25 14.05
CA LYS A 426 -33.15 -11.14 13.17
C LYS A 426 -33.50 -12.50 12.54
N ARG A 427 -32.49 -13.11 11.92
CA ARG A 427 -32.66 -14.39 11.26
C ARG A 427 -33.03 -15.52 12.23
N LEU A 428 -32.62 -15.39 13.49
CA LEU A 428 -32.93 -16.39 14.50
C LEU A 428 -34.34 -16.26 15.07
N CYS A 429 -34.88 -15.05 15.03
CA CYS A 429 -36.26 -14.82 15.39
C CYS A 429 -37.16 -15.49 14.36
N HIS A 430 -36.62 -15.68 13.15
CA HIS A 430 -37.37 -16.37 12.11
C HIS A 430 -37.17 -17.89 12.13
N ASN A 431 -35.96 -18.32 12.45
CA ASN A 431 -35.62 -19.74 12.45
C ASN A 431 -34.61 -19.96 13.54
N ALA A 432 -35.03 -20.62 14.62
CA ALA A 432 -34.15 -20.77 15.77
C ALA A 432 -33.04 -21.77 15.50
N LEU A 433 -33.12 -22.45 14.36
CA LEU A 433 -32.17 -23.51 14.03
C LEU A 433 -31.25 -23.09 12.88
N ASP A 434 -31.25 -21.78 12.60
CA ASP A 434 -30.35 -21.24 11.60
C ASP A 434 -28.91 -21.36 12.06
N VAL A 435 -28.16 -22.29 11.48
CA VAL A 435 -26.81 -22.58 11.96
C VAL A 435 -25.83 -21.45 11.75
N GLN A 436 -25.82 -20.88 10.55
CA GLN A 436 -24.84 -19.83 10.25
C GLN A 436 -24.95 -18.71 11.27
N SER A 437 -26.17 -18.33 11.62
CA SER A 437 -26.40 -17.30 12.61
C SER A 437 -25.96 -17.72 14.02
N LEU A 438 -26.17 -18.98 14.39
CA LEU A 438 -25.64 -19.54 15.63
C LEU A 438 -24.10 -19.44 15.75
N SER A 439 -23.39 -19.85 14.70
CA SER A 439 -21.93 -19.82 14.71
C SER A 439 -21.43 -18.38 14.62
N ALA A 440 -22.30 -17.51 14.12
CA ALA A 440 -22.00 -16.11 13.99
C ALA A 440 -21.92 -15.46 15.37
N LEU A 441 -22.94 -15.67 16.18
CA LEU A 441 -22.96 -15.10 17.53
C LEU A 441 -21.94 -15.82 18.40
N GLY A 442 -21.74 -17.11 18.12
CA GLY A 442 -20.66 -17.84 18.76
C GLY A 442 -19.37 -17.09 18.55
N PHE A 443 -19.05 -16.80 17.28
CA PHE A 443 -17.76 -16.23 16.92
C PHE A 443 -17.56 -14.87 17.57
N VAL A 444 -18.59 -14.04 17.47
CA VAL A 444 -18.58 -12.69 18.02
C VAL A 444 -18.45 -12.68 19.54
N TYR A 445 -19.28 -13.46 20.22
CA TYR A 445 -19.19 -13.50 21.68
C TYR A 445 -17.82 -14.02 22.10
N LYS A 446 -17.25 -14.90 21.30
CA LYS A 446 -15.89 -15.38 21.56
C LYS A 446 -14.93 -14.22 21.43
N LEU A 447 -15.08 -13.45 20.37
CA LEU A 447 -14.26 -12.28 20.15
C LEU A 447 -14.39 -11.24 21.27
N GLU A 448 -15.62 -11.03 21.76
CA GLU A 448 -15.84 -10.05 22.80
C GLU A 448 -15.37 -10.52 24.18
N GLY A 449 -14.94 -11.78 24.28
CA GLY A 449 -14.53 -12.35 25.56
C GLY A 449 -15.67 -12.96 26.37
N GLU A 450 -16.88 -12.92 25.84
CA GLU A 450 -18.01 -13.53 26.55
C GLU A 450 -17.94 -15.02 26.31
N LYS A 451 -17.03 -15.65 27.02
CA LYS A 451 -16.63 -17.02 26.76
C LYS A 451 -17.78 -18.01 26.94
N ARG A 452 -18.60 -17.78 27.96
CA ARG A 452 -19.70 -18.67 28.20
C ARG A 452 -20.77 -18.56 27.11
N GLN A 453 -21.21 -17.34 26.80
CA GLN A 453 -22.25 -17.17 25.80
C GLN A 453 -21.79 -17.71 24.44
N ALA A 454 -20.49 -17.60 24.17
CA ALA A 454 -19.93 -18.09 22.93
C ALA A 454 -20.04 -19.61 22.88
N ALA A 455 -19.69 -20.27 23.98
CA ALA A 455 -19.83 -21.71 24.12
C ALA A 455 -21.27 -22.19 23.92
N GLU A 456 -22.23 -21.53 24.55
CA GLU A 456 -23.63 -21.89 24.38
C GLU A 456 -24.04 -21.84 22.90
N TYR A 457 -23.69 -20.76 22.22
CA TYR A 457 -24.03 -20.63 20.81
C TYR A 457 -23.40 -21.72 19.94
N TYR A 458 -22.13 -22.04 20.19
CA TYR A 458 -21.47 -23.11 19.46
C TYR A 458 -22.08 -24.47 19.78
N GLU A 459 -22.54 -24.64 21.01
CA GLU A 459 -23.13 -25.92 21.40
C GLU A 459 -24.44 -26.14 20.67
N LYS A 460 -25.29 -25.10 20.60
CA LYS A 460 -26.50 -25.19 19.78
C LYS A 460 -26.15 -25.47 18.30
N ALA A 461 -25.07 -24.88 17.81
CA ALA A 461 -24.65 -25.08 16.43
C ALA A 461 -24.19 -26.51 16.22
N GLN A 462 -23.37 -27.00 17.14
CA GLN A 462 -22.83 -28.35 17.02
C GLN A 462 -23.91 -29.40 17.18
N LYS A 463 -24.94 -29.13 17.98
CA LYS A 463 -26.02 -30.11 18.14
C LYS A 463 -26.68 -30.36 16.80
N ILE A 464 -26.78 -29.31 15.99
CA ILE A 464 -27.40 -29.39 14.68
C ILE A 464 -26.46 -30.02 13.65
N ASP A 465 -25.20 -29.60 13.68
CA ASP A 465 -24.19 -30.12 12.75
C ASP A 465 -23.07 -30.77 13.53
N PRO A 466 -23.32 -31.96 14.09
CA PRO A 466 -22.40 -32.62 15.03
C PRO A 466 -20.95 -32.68 14.60
N GLU A 467 -20.65 -33.29 13.47
CA GLU A 467 -19.26 -33.47 13.08
C GLU A 467 -18.73 -32.27 12.29
N ASN A 468 -18.90 -31.08 12.86
CA ASN A 468 -18.37 -29.88 12.25
C ASN A 468 -17.05 -29.54 12.92
N ALA A 469 -15.98 -29.51 12.13
CA ALA A 469 -14.65 -29.40 12.71
C ALA A 469 -14.32 -27.98 13.13
N GLU A 470 -15.07 -27.02 12.59
CA GLU A 470 -14.98 -25.65 13.05
C GLU A 470 -15.58 -25.52 14.46
N PHE A 471 -16.75 -26.10 14.68
CA PHE A 471 -17.42 -25.94 15.97
C PHE A 471 -16.71 -26.74 17.03
N LEU A 472 -16.12 -27.86 16.63
CA LEU A 472 -15.34 -28.67 17.54
C LEU A 472 -14.09 -27.89 17.95
N THR A 473 -13.43 -27.27 16.98
CA THR A 473 -12.23 -26.47 17.25
C THR A 473 -12.52 -25.28 18.18
N ALA A 474 -13.61 -24.58 17.90
CA ALA A 474 -14.03 -23.43 18.70
C ALA A 474 -14.23 -23.82 20.15
N LEU A 475 -15.12 -24.78 20.40
CA LEU A 475 -15.42 -25.24 21.75
C LEU A 475 -14.16 -25.61 22.52
N CYS A 476 -13.22 -26.25 21.84
CA CYS A 476 -11.97 -26.66 22.45
C CYS A 476 -11.18 -25.43 22.87
N GLU A 477 -10.72 -24.67 21.89
CA GLU A 477 -9.96 -23.46 22.16
C GLU A 477 -10.73 -22.49 23.06
N LEU A 478 -12.05 -22.62 23.08
CA LEU A 478 -12.88 -21.84 23.98
C LEU A 478 -12.71 -22.33 25.41
N ARG A 479 -12.26 -23.57 25.55
CA ARG A 479 -12.03 -24.14 26.87
C ARG A 479 -10.59 -23.94 27.31
N LEU A 480 -9.80 -23.33 26.44
CA LEU A 480 -8.38 -23.18 26.71
C LEU A 480 -8.02 -21.75 27.13
N SER A 481 -8.90 -21.19 27.95
CA SER A 481 -8.60 -20.06 28.84
C SER A 481 -9.69 -19.94 29.91
#